data_1WZA
#
_entry.id   1WZA
#
_cell.length_a   55.126
_cell.length_b   61.658
_cell.length_c   147.625
_cell.angle_alpha   90.00
_cell.angle_beta   90.00
_cell.angle_gamma   90.00
#
_symmetry.space_group_name_H-M   'P 21 21 21'
#
loop_
_entity.id
_entity.type
_entity.pdbx_description
1 polymer 'alpha-amylase A'
2 non-polymer 'CALCIUM ION'
3 water water
#
_entity_poly.entity_id   1
_entity_poly.type   'polypeptide(L)'
_entity_poly.pdbx_seq_one_letter_code
;FEKHGTYYEIFVRSFYDSDGDGIGDLKGIIEKLDYLNDGDPETIADLGVNGIWLMPIFKSPSYHGYDVTDYYKINPDYGT
LEDFHKLVEAAHQRGIKVIIDLPINHTSERHPWFLKASRDKNSEYRDYYVWAGPDTDTKETKLDGGRVWHYSPTGMYYGY
FWSGMPDLNYNNPEVQEKVIGIAKYWLKQGVDGFRLDGAMHIFPPAQYDKNFTWWEKFRQEIEEVKPVYLVGEVWDISET
VAPYFKYGFDSTFNFKLAEAVIATAKAGFPFGFNKKAKHIYGVYDREVGFGNYIDAPFLTNHDQNRILDQLGQDRNKARV
AASIYLTLPGNPFIYYGEEIGMRGQGPHEVIREPFQWYNGSGEGETYWEPAMYNDGFTSVEQEEKNLDSLLNHYRRLIHF
RNENPVFYTGKIEIINGGLNVVAFRRYNDKRDLYVYHNLVNRPVKIKVASGNWTLLFNSGDKEITPVEDNNKLMYTIPAY
TTIVLEKE
;
_entity_poly.pdbx_strand_id   A
#
# COMPACT_ATOMS: atom_id res chain seq x y z
N PHE A 1 21.24 2.77 1.09
CA PHE A 1 19.78 2.85 1.40
C PHE A 1 19.01 2.04 0.37
N GLU A 2 18.65 0.81 0.74
CA GLU A 2 17.90 -0.09 -0.14
C GLU A 2 16.42 0.30 -0.15
N LYS A 3 15.95 0.78 -1.28
CA LYS A 3 14.55 1.20 -1.39
C LYS A 3 13.58 0.09 -1.80
N HIS A 4 14.11 -1.01 -2.30
CA HIS A 4 13.27 -2.12 -2.73
C HIS A 4 12.85 -3.00 -1.55
N GLY A 5 11.58 -3.37 -1.52
CA GLY A 5 11.09 -4.20 -0.43
C GLY A 5 9.58 -4.32 -0.46
N THR A 6 9.05 -5.33 0.23
CA THR A 6 7.61 -5.54 0.31
C THR A 6 7.11 -4.80 1.56
N TYR A 7 6.08 -3.98 1.39
CA TYR A 7 5.52 -3.21 2.50
C TYR A 7 4.22 -3.73 3.07
N TYR A 8 3.98 -3.41 4.33
CA TYR A 8 2.77 -3.82 5.05
C TYR A 8 2.11 -2.57 5.63
N GLU A 9 0.87 -2.31 5.22
CA GLU A 9 0.12 -1.13 5.69
C GLU A 9 -0.63 -1.43 6.98
N ILE A 10 -0.32 -0.67 8.02
CA ILE A 10 -0.94 -0.86 9.33
C ILE A 10 -1.84 0.27 9.79
N PHE A 11 -3.05 -0.07 10.21
CA PHE A 11 -3.95 0.92 10.79
C PHE A 11 -3.67 0.65 12.26
N VAL A 12 -2.91 1.53 12.89
CA VAL A 12 -2.51 1.34 14.29
C VAL A 12 -3.65 0.99 15.24
N ARG A 13 -4.78 1.69 15.12
CA ARG A 13 -5.94 1.47 15.99
C ARG A 13 -6.43 0.03 15.99
N SER A 14 -6.24 -0.68 14.88
CA SER A 14 -6.72 -2.06 14.76
C SER A 14 -5.68 -3.18 14.79
N PHE A 15 -4.42 -2.87 15.05
CA PHE A 15 -3.41 -3.92 15.04
C PHE A 15 -3.24 -4.67 16.36
N TYR A 16 -2.50 -4.09 17.32
CA TYR A 16 -2.30 -4.78 18.60
C TYR A 16 -2.33 -3.79 19.77
N ASP A 17 -3.13 -4.11 20.78
CA ASP A 17 -3.32 -3.30 21.97
C ASP A 17 -2.45 -3.80 23.13
N SER A 18 -1.40 -3.04 23.46
CA SER A 18 -0.48 -3.44 24.52
C SER A 18 -0.91 -3.10 25.95
N ASP A 19 -1.82 -2.16 26.12
CA ASP A 19 -2.21 -1.79 27.49
C ASP A 19 -3.65 -2.03 27.95
N GLY A 20 -4.42 -2.80 27.18
CA GLY A 20 -5.77 -3.14 27.60
C GLY A 20 -6.93 -2.15 27.51
N ASP A 21 -6.86 -1.19 26.60
CA ASP A 21 -7.97 -0.24 26.47
C ASP A 21 -8.74 -0.52 25.18
N GLY A 22 -8.34 -1.57 24.47
CA GLY A 22 -9.02 -1.95 23.24
C GLY A 22 -8.57 -1.22 21.99
N ILE A 23 -7.69 -0.23 22.16
CA ILE A 23 -7.18 0.56 21.06
C ILE A 23 -5.79 0.10 20.65
N GLY A 24 -5.57 -0.18 19.37
CA GLY A 24 -4.26 -0.59 18.94
C GLY A 24 -3.27 0.55 19.18
N ASP A 25 -2.02 0.22 19.53
CA ASP A 25 -1.02 1.25 19.81
C ASP A 25 0.38 0.89 19.31
N LEU A 26 1.31 1.85 19.44
CA LEU A 26 2.67 1.66 18.99
C LEU A 26 3.45 0.57 19.73
N LYS A 27 3.32 0.50 21.05
CA LYS A 27 4.01 -0.55 21.80
C LYS A 27 3.47 -1.91 21.36
N GLY A 28 2.21 -1.93 20.93
CA GLY A 28 1.60 -3.16 20.47
C GLY A 28 2.29 -3.66 19.22
N ILE A 29 2.59 -2.76 18.30
CA ILE A 29 3.29 -3.14 17.07
C ILE A 29 4.65 -3.71 17.45
N ILE A 30 5.33 -3.08 18.40
CA ILE A 30 6.63 -3.54 18.84
C ILE A 30 6.53 -4.99 19.33
N GLU A 31 5.52 -5.26 20.14
CA GLU A 31 5.33 -6.60 20.70
C GLU A 31 5.11 -7.67 19.62
N LYS A 32 4.54 -7.26 18.49
CA LYS A 32 4.26 -8.18 17.40
C LYS A 32 5.19 -8.06 16.18
N LEU A 33 6.28 -7.31 16.32
CA LEU A 33 7.19 -7.12 15.19
C LEU A 33 7.69 -8.41 14.55
N ASP A 34 7.96 -9.43 15.35
CA ASP A 34 8.46 -10.68 14.80
C ASP A 34 7.46 -11.35 13.85
N TYR A 35 6.19 -10.98 13.95
CA TYR A 35 5.17 -11.54 13.06
C TYR A 35 5.40 -10.98 11.66
N LEU A 36 5.85 -9.73 11.60
CA LEU A 36 6.11 -9.07 10.32
C LEU A 36 7.49 -9.41 9.76
N ASN A 37 8.53 -9.28 10.60
CA ASN A 37 9.89 -9.64 10.19
C ASN A 37 10.68 -9.86 11.46
N ASP A 38 11.22 -11.06 11.64
CA ASP A 38 11.99 -11.34 12.85
C ASP A 38 13.47 -11.02 12.70
N GLY A 39 13.84 -10.42 11.57
CA GLY A 39 15.22 -10.04 11.32
C GLY A 39 16.17 -11.14 10.89
N ASP A 40 15.66 -12.35 10.71
CA ASP A 40 16.51 -13.48 10.32
C ASP A 40 16.04 -14.07 8.99
N PRO A 41 16.70 -13.69 7.88
CA PRO A 41 16.29 -14.21 6.57
C PRO A 41 16.28 -15.74 6.41
N GLU A 42 16.80 -16.46 7.41
CA GLU A 42 16.82 -17.93 7.33
C GLU A 42 15.51 -18.58 7.77
N THR A 43 14.71 -17.88 8.57
CA THR A 43 13.45 -18.45 9.02
C THR A 43 12.28 -17.93 8.19
N ILE A 44 11.17 -18.65 8.21
CA ILE A 44 9.98 -18.20 7.48
C ILE A 44 8.83 -18.22 8.49
N ALA A 45 9.16 -17.83 9.72
CA ALA A 45 8.19 -17.77 10.81
C ALA A 45 7.47 -16.44 10.74
N ASP A 46 8.04 -15.52 9.98
CA ASP A 46 7.49 -14.17 9.82
C ASP A 46 6.99 -13.96 8.40
N LEU A 47 6.30 -12.84 8.16
CA LEU A 47 5.82 -12.55 6.81
C LEU A 47 7.03 -12.28 5.93
N GLY A 48 8.01 -11.56 6.47
CA GLY A 48 9.21 -11.23 5.73
C GLY A 48 9.16 -9.87 5.07
N VAL A 49 8.21 -9.03 5.45
CA VAL A 49 8.11 -7.70 4.85
C VAL A 49 9.29 -6.84 5.28
N ASN A 50 9.75 -5.94 4.41
CA ASN A 50 10.88 -5.10 4.79
C ASN A 50 10.54 -3.64 4.99
N GLY A 51 9.25 -3.38 5.13
CA GLY A 51 8.81 -2.02 5.38
C GLY A 51 7.39 -2.01 5.91
N ILE A 52 7.08 -1.03 6.75
CA ILE A 52 5.74 -0.88 7.27
C ILE A 52 5.33 0.57 7.08
N TRP A 53 4.07 0.77 6.76
CA TRP A 53 3.50 2.10 6.57
C TRP A 53 2.39 2.25 7.59
N LEU A 54 2.53 3.24 8.46
CA LEU A 54 1.55 3.50 9.49
C LEU A 54 0.55 4.57 9.04
N MET A 55 -0.74 4.25 9.12
CA MET A 55 -1.76 5.23 8.77
C MET A 55 -1.57 6.38 9.78
N PRO A 56 -2.12 7.57 9.51
CA PRO A 56 -1.98 8.74 10.40
C PRO A 56 -1.84 8.52 11.90
N ILE A 57 -0.69 8.90 12.45
CA ILE A 57 -0.45 8.75 13.88
C ILE A 57 -0.41 10.06 14.67
N PHE A 58 -0.77 11.17 14.03
CA PHE A 58 -0.75 12.47 14.71
C PHE A 58 -2.05 12.78 15.45
N LYS A 59 -2.01 13.80 16.30
CA LYS A 59 -3.20 14.21 17.04
C LYS A 59 -4.31 14.51 16.04
N SER A 60 -5.52 14.03 16.33
CA SER A 60 -6.67 14.20 15.44
C SER A 60 -7.96 13.88 16.20
N PRO A 61 -9.09 14.49 15.78
CA PRO A 61 -10.35 14.20 16.47
C PRO A 61 -11.07 12.94 15.98
N SER A 62 -10.66 12.42 14.83
CA SER A 62 -11.29 11.23 14.24
C SER A 62 -10.57 9.91 14.51
N TYR A 63 -11.25 8.82 14.22
CA TYR A 63 -10.68 7.48 14.42
C TYR A 63 -9.66 7.14 13.34
N HIS A 64 -9.71 7.83 12.20
CA HIS A 64 -8.78 7.56 11.10
C HIS A 64 -7.53 8.47 11.10
N GLY A 65 -7.68 9.69 11.59
CA GLY A 65 -6.54 10.60 11.67
C GLY A 65 -6.12 11.41 10.46
N TYR A 66 -6.86 11.33 9.37
CA TYR A 66 -6.48 12.10 8.18
C TYR A 66 -6.71 13.60 8.31
N ASP A 67 -7.40 14.00 9.39
CA ASP A 67 -7.64 15.41 9.67
C ASP A 67 -6.83 15.71 10.94
N VAL A 68 -5.62 16.23 10.72
CA VAL A 68 -4.65 16.53 11.78
C VAL A 68 -4.79 17.86 12.51
N THR A 69 -4.67 17.81 13.84
CA THR A 69 -4.76 19.01 14.66
C THR A 69 -3.41 19.41 15.25
N ASP A 70 -2.42 18.52 15.20
CA ASP A 70 -1.08 18.82 15.70
C ASP A 70 -0.06 17.89 15.04
N TYR A 71 0.72 18.41 14.11
CA TYR A 71 1.72 17.60 13.40
C TYR A 71 2.93 17.20 14.24
N TYR A 72 3.09 17.82 15.40
CA TYR A 72 4.24 17.52 16.26
C TYR A 72 3.89 16.69 17.49
N LYS A 73 2.70 16.10 17.50
CA LYS A 73 2.28 15.29 18.63
C LYS A 73 1.65 13.97 18.20
N ILE A 74 2.08 12.88 18.84
CA ILE A 74 1.53 11.55 18.55
C ILE A 74 0.13 11.47 19.19
N ASN A 75 -0.82 10.90 18.47
CA ASN A 75 -2.18 10.72 18.97
C ASN A 75 -2.06 9.93 20.29
N PRO A 76 -2.54 10.48 21.40
CA PRO A 76 -2.46 9.78 22.69
C PRO A 76 -3.04 8.36 22.64
N ASP A 77 -4.05 8.17 21.78
CA ASP A 77 -4.70 6.87 21.61
C ASP A 77 -3.69 5.80 21.20
N TYR A 78 -2.64 6.20 20.48
CA TYR A 78 -1.64 5.27 19.99
C TYR A 78 -0.36 5.20 20.80
N GLY A 79 -0.27 6.02 21.84
CA GLY A 79 0.93 5.99 22.65
C GLY A 79 1.67 7.30 22.71
N THR A 80 2.98 7.21 22.86
CA THR A 80 3.83 8.39 23.01
C THR A 80 4.99 8.46 22.03
N LEU A 81 5.71 9.58 22.06
CA LEU A 81 6.86 9.78 21.18
C LEU A 81 7.94 8.76 21.56
N GLU A 82 8.05 8.46 22.85
CA GLU A 82 9.05 7.49 23.29
C GLU A 82 8.72 6.13 22.66
N ASP A 83 7.43 5.78 22.65
CA ASP A 83 7.00 4.51 22.05
C ASP A 83 7.38 4.49 20.57
N PHE A 84 7.15 5.62 19.90
CA PHE A 84 7.47 5.72 18.48
C PHE A 84 8.96 5.47 18.25
N HIS A 85 9.80 6.07 19.09
CA HIS A 85 11.24 5.87 18.95
C HIS A 85 11.65 4.43 19.17
N LYS A 86 11.04 3.77 20.15
CA LYS A 86 11.36 2.38 20.40
C LYS A 86 10.93 1.52 19.24
N LEU A 87 9.82 1.90 18.59
CA LEU A 87 9.33 1.15 17.43
C LEU A 87 10.29 1.28 16.26
N VAL A 88 10.71 2.51 15.99
CA VAL A 88 11.64 2.73 14.89
C VAL A 88 12.94 1.98 15.14
N GLU A 89 13.42 1.98 16.38
CA GLU A 89 14.67 1.28 16.70
C GLU A 89 14.51 -0.23 16.56
N ALA A 90 13.40 -0.77 17.05
CA ALA A 90 13.12 -2.20 16.98
C ALA A 90 12.94 -2.64 15.52
N ALA A 91 12.29 -1.82 14.72
CA ALA A 91 12.08 -2.14 13.31
C ALA A 91 13.42 -2.15 12.57
N HIS A 92 14.24 -1.12 12.78
CA HIS A 92 15.53 -1.05 12.10
C HIS A 92 16.43 -2.23 12.49
N GLN A 93 16.32 -2.67 13.73
CA GLN A 93 17.12 -3.80 14.21
C GLN A 93 16.81 -5.05 13.38
N ARG A 94 15.60 -5.09 12.83
CA ARG A 94 15.14 -6.22 12.04
C ARG A 94 15.22 -5.98 10.53
N GLY A 95 15.76 -4.82 10.14
CA GLY A 95 15.88 -4.49 8.73
C GLY A 95 14.57 -3.98 8.14
N ILE A 96 13.67 -3.51 9.00
CA ILE A 96 12.38 -2.99 8.54
C ILE A 96 12.36 -1.48 8.46
N LYS A 97 12.04 -0.95 7.28
CA LYS A 97 11.97 0.50 7.15
C LYS A 97 10.59 0.94 7.62
N VAL A 98 10.51 2.15 8.18
CA VAL A 98 9.24 2.67 8.67
C VAL A 98 8.87 3.97 7.97
N ILE A 99 7.70 4.00 7.33
CA ILE A 99 7.24 5.24 6.72
C ILE A 99 5.88 5.56 7.35
N ILE A 100 5.54 6.83 7.43
CA ILE A 100 4.26 7.19 8.02
C ILE A 100 3.46 8.07 7.07
N ASP A 101 2.14 8.02 7.23
CA ASP A 101 1.23 8.82 6.41
C ASP A 101 1.49 10.29 6.81
N LEU A 102 1.59 11.18 5.83
CA LEU A 102 1.82 12.59 6.12
C LEU A 102 0.70 13.42 5.50
N PRO A 103 -0.42 13.60 6.23
CA PRO A 103 -1.57 14.36 5.75
C PRO A 103 -1.34 15.87 5.76
N ILE A 104 -0.56 16.34 4.78
CA ILE A 104 -0.25 17.76 4.71
C ILE A 104 -0.95 18.49 3.57
N ASN A 105 -1.91 17.83 2.93
CA ASN A 105 -2.64 18.47 1.83
C ASN A 105 -3.66 19.42 2.45
N HIS A 106 -4.13 19.05 3.64
CA HIS A 106 -5.11 19.83 4.37
C HIS A 106 -4.91 19.57 5.86
N THR A 107 -5.59 20.34 6.70
CA THR A 107 -5.51 20.14 8.14
C THR A 107 -6.94 19.97 8.63
N SER A 108 -7.09 19.66 9.91
CA SER A 108 -8.42 19.54 10.48
C SER A 108 -8.89 20.98 10.65
N GLU A 109 -10.21 21.18 10.63
CA GLU A 109 -10.79 22.49 10.81
C GLU A 109 -10.52 22.91 12.26
N ARG A 110 -10.13 21.94 13.09
CA ARG A 110 -9.83 22.19 14.49
C ARG A 110 -8.35 22.44 14.74
N HIS A 111 -7.56 22.48 13.67
CA HIS A 111 -6.14 22.75 13.83
C HIS A 111 -5.99 24.22 14.21
N PRO A 112 -5.14 24.54 15.20
CA PRO A 112 -4.92 25.92 15.64
C PRO A 112 -4.74 26.91 14.50
N TRP A 113 -3.96 26.54 13.50
CA TRP A 113 -3.73 27.43 12.36
C TRP A 113 -5.04 27.90 11.76
N PHE A 114 -5.95 26.96 11.53
CA PHE A 114 -7.25 27.28 10.94
C PHE A 114 -8.15 28.03 11.91
N LEU A 115 -8.18 27.61 13.17
CA LEU A 115 -9.03 28.27 14.15
C LEU A 115 -8.70 29.77 14.20
N LYS A 116 -7.41 30.08 14.16
CA LYS A 116 -6.95 31.47 14.20
C LYS A 116 -7.22 32.20 12.89
N ALA A 117 -6.88 31.56 11.77
CA ALA A 117 -7.09 32.16 10.45
C ALA A 117 -8.58 32.30 10.14
N SER A 118 -9.38 31.42 10.72
CA SER A 118 -10.82 31.42 10.51
C SER A 118 -11.57 32.40 11.41
N ARG A 119 -10.88 32.90 12.43
CA ARG A 119 -11.51 33.83 13.37
C ARG A 119 -10.96 35.25 13.29
N ASP A 120 -10.22 35.54 12.22
CA ASP A 120 -9.64 36.86 12.04
C ASP A 120 -9.03 36.99 10.64
N LYS A 121 -9.66 37.79 9.80
CA LYS A 121 -9.20 38.01 8.44
C LYS A 121 -7.80 38.60 8.38
N ASN A 122 -7.35 39.20 9.48
CA ASN A 122 -6.02 39.79 9.54
C ASN A 122 -5.05 38.92 10.32
N SER A 123 -5.43 37.65 10.52
CA SER A 123 -4.59 36.72 11.25
C SER A 123 -3.27 36.44 10.55
N GLU A 124 -2.27 36.08 11.32
CA GLU A 124 -0.94 35.78 10.80
C GLU A 124 -0.98 34.46 10.00
N TYR A 125 -2.00 33.65 10.28
CA TYR A 125 -2.17 32.35 9.62
C TYR A 125 -3.22 32.40 8.52
N ARG A 126 -3.78 33.58 8.28
CA ARG A 126 -4.81 33.74 7.25
C ARG A 126 -4.40 33.18 5.89
N ASP A 127 -3.18 33.49 5.47
CA ASP A 127 -2.69 33.04 4.17
C ASP A 127 -2.23 31.57 4.14
N TYR A 128 -2.47 30.84 5.22
CA TYR A 128 -2.11 29.43 5.28
C TYR A 128 -3.23 28.65 4.57
N TYR A 129 -4.36 29.31 4.39
CA TYR A 129 -5.51 28.68 3.74
C TYR A 129 -5.96 29.49 2.53
N VAL A 130 -6.87 28.91 1.75
CA VAL A 130 -7.37 29.55 0.53
C VAL A 130 -8.74 30.16 0.72
N TRP A 131 -8.84 31.47 0.55
CA TRP A 131 -10.09 32.18 0.72
C TRP A 131 -10.72 32.62 -0.60
N ALA A 132 -12.02 32.39 -0.71
CA ALA A 132 -12.80 32.68 -1.90
C ALA A 132 -12.81 34.10 -2.43
N GLY A 133 -13.44 34.22 -3.59
CA GLY A 133 -13.61 35.48 -4.30
C GLY A 133 -14.78 35.23 -5.22
N PRO A 134 -14.53 34.70 -6.44
CA PRO A 134 -15.61 34.43 -7.38
C PRO A 134 -16.10 32.97 -7.36
N ASP A 135 -17.34 32.80 -7.79
CA ASP A 135 -18.01 31.50 -7.90
C ASP A 135 -17.82 30.43 -6.81
N THR A 136 -18.95 29.97 -6.30
CA THR A 136 -18.97 28.91 -5.28
C THR A 136 -19.73 27.75 -5.91
N ASP A 137 -19.28 27.35 -7.11
CA ASP A 137 -19.91 26.26 -7.86
C ASP A 137 -20.11 24.99 -7.04
N THR A 138 -19.23 24.02 -7.28
CA THR A 138 -19.25 22.72 -6.60
C THR A 138 -19.48 21.55 -7.56
N LYS A 139 -18.41 20.80 -7.82
CA LYS A 139 -18.48 19.64 -8.69
C LYS A 139 -18.83 18.47 -7.76
N GLU A 140 -19.68 17.56 -8.23
CA GLU A 140 -20.08 16.43 -7.39
C GLU A 140 -20.15 15.05 -8.07
N THR A 141 -20.10 14.03 -7.22
CA THR A 141 -20.16 12.60 -7.56
C THR A 141 -19.44 11.84 -6.44
N LYS A 142 -18.49 10.97 -6.81
CA LYS A 142 -17.72 10.18 -5.85
C LYS A 142 -18.51 9.69 -4.64
N LEU A 143 -17.80 9.42 -3.55
CA LEU A 143 -18.43 8.93 -2.32
C LEU A 143 -18.01 9.76 -1.11
N ASP A 144 -18.82 10.75 -0.77
CA ASP A 144 -18.55 11.61 0.37
C ASP A 144 -19.65 12.66 0.52
N GLY A 145 -19.87 13.42 -0.55
CA GLY A 145 -20.90 14.45 -0.54
C GLY A 145 -20.73 15.43 -1.69
N GLY A 146 -20.52 16.70 -1.37
CA GLY A 146 -20.34 17.70 -2.41
C GLY A 146 -19.91 19.06 -1.88
N ARG A 147 -19.44 19.90 -2.79
CA ARG A 147 -18.99 21.27 -2.47
C ARG A 147 -17.53 21.36 -2.07
N VAL A 148 -16.84 22.35 -2.61
CA VAL A 148 -15.43 22.57 -2.31
C VAL A 148 -15.23 23.88 -1.55
N TRP A 149 -16.26 24.72 -1.56
CA TRP A 149 -16.21 25.98 -0.83
C TRP A 149 -17.15 25.89 0.36
N HIS A 150 -16.69 26.33 1.53
CA HIS A 150 -17.50 26.26 2.75
C HIS A 150 -17.46 27.53 3.57
N TYR A 151 -18.50 27.75 4.36
CA TYR A 151 -18.60 28.92 5.22
C TYR A 151 -17.77 28.84 6.49
N SER A 152 -17.26 29.99 6.91
CA SER A 152 -16.46 30.13 8.12
C SER A 152 -16.43 31.62 8.44
N PRO A 153 -17.29 32.07 9.36
CA PRO A 153 -17.51 33.43 9.87
C PRO A 153 -16.76 34.62 9.24
N THR A 154 -15.52 34.43 8.84
CA THR A 154 -14.76 35.52 8.23
C THR A 154 -14.55 35.28 6.74
N GLY A 155 -15.46 34.54 6.12
CA GLY A 155 -15.35 34.26 4.70
C GLY A 155 -15.41 32.78 4.37
N MET A 156 -15.51 32.46 3.09
CA MET A 156 -15.57 31.06 2.67
C MET A 156 -14.18 30.55 2.28
N TYR A 157 -13.86 29.35 2.74
CA TYR A 157 -12.56 28.74 2.47
C TYR A 157 -12.68 27.50 1.58
N TYR A 158 -11.56 27.11 0.99
CA TYR A 158 -11.52 25.95 0.11
C TYR A 158 -11.29 24.65 0.87
N GLY A 159 -12.12 23.65 0.57
CA GLY A 159 -12.01 22.35 1.21
C GLY A 159 -12.50 21.27 0.26
N TYR A 160 -11.61 20.78 -0.59
CA TYR A 160 -11.97 19.76 -1.57
C TYR A 160 -12.76 18.57 -1.04
N PHE A 161 -12.23 17.90 -0.02
CA PHE A 161 -12.88 16.73 0.54
C PHE A 161 -14.06 16.97 1.47
N TRP A 162 -13.90 17.90 2.40
CA TRP A 162 -14.95 18.17 3.37
C TRP A 162 -14.65 19.45 4.13
N SER A 163 -15.70 20.12 4.62
CA SER A 163 -15.53 21.37 5.35
C SER A 163 -14.63 21.18 6.56
N GLY A 164 -14.56 19.95 7.06
CA GLY A 164 -13.72 19.67 8.21
C GLY A 164 -12.25 19.52 7.85
N MET A 165 -11.95 19.61 6.55
CA MET A 165 -10.58 19.48 6.07
C MET A 165 -10.13 20.60 5.13
N PRO A 166 -9.98 21.82 5.66
CA PRO A 166 -9.56 22.95 4.82
C PRO A 166 -8.20 22.68 4.20
N ASP A 167 -8.06 22.97 2.91
CA ASP A 167 -6.81 22.75 2.19
C ASP A 167 -5.75 23.82 2.46
N LEU A 168 -4.51 23.39 2.65
CA LEU A 168 -3.41 24.32 2.89
C LEU A 168 -3.04 25.03 1.59
N ASN A 169 -2.69 26.30 1.69
CA ASN A 169 -2.35 27.12 0.53
C ASN A 169 -0.88 27.02 0.13
N TYR A 170 -0.58 26.09 -0.78
CA TYR A 170 0.80 25.92 -1.22
C TYR A 170 1.34 27.03 -2.10
N ASN A 171 0.55 28.07 -2.35
CA ASN A 171 1.04 29.20 -3.14
C ASN A 171 1.78 30.14 -2.18
N ASN A 172 1.63 29.86 -0.89
CA ASN A 172 2.29 30.65 0.15
C ASN A 172 3.59 29.96 0.52
N PRO A 173 4.74 30.62 0.27
CA PRO A 173 6.05 30.05 0.58
C PRO A 173 6.18 29.59 2.03
N GLU A 174 5.49 30.26 2.95
CA GLU A 174 5.58 29.90 4.35
C GLU A 174 4.93 28.54 4.61
N VAL A 175 3.85 28.23 3.90
CA VAL A 175 3.17 26.95 4.06
C VAL A 175 4.11 25.82 3.62
N GLN A 176 4.83 26.05 2.53
CA GLN A 176 5.78 25.07 2.02
C GLN A 176 6.90 24.86 3.01
N GLU A 177 7.38 25.96 3.61
CA GLU A 177 8.45 25.88 4.59
C GLU A 177 8.01 25.11 5.83
N LYS A 178 6.83 25.43 6.34
CA LYS A 178 6.29 24.79 7.53
C LYS A 178 6.12 23.28 7.34
N VAL A 179 5.56 22.89 6.21
CA VAL A 179 5.35 21.46 5.94
C VAL A 179 6.67 20.70 5.79
N ILE A 180 7.67 21.34 5.17
CA ILE A 180 8.97 20.70 5.00
C ILE A 180 9.62 20.54 6.37
N GLY A 181 9.41 21.54 7.24
CA GLY A 181 9.97 21.46 8.59
C GLY A 181 9.37 20.29 9.33
N ILE A 182 8.07 20.07 9.15
CA ILE A 182 7.37 18.98 9.79
C ILE A 182 7.96 17.65 9.33
N ALA A 183 8.18 17.52 8.02
CA ALA A 183 8.75 16.30 7.46
C ALA A 183 10.14 16.04 8.02
N LYS A 184 10.97 17.07 8.07
CA LYS A 184 12.32 16.93 8.59
C LYS A 184 12.29 16.48 10.05
N TYR A 185 11.35 17.02 10.83
CA TYR A 185 11.22 16.64 12.23
C TYR A 185 11.05 15.14 12.37
N TRP A 186 10.08 14.57 11.65
CA TRP A 186 9.85 13.15 11.76
C TRP A 186 11.00 12.29 11.23
N LEU A 187 11.71 12.78 10.23
CA LEU A 187 12.86 12.04 9.71
C LEU A 187 13.91 11.97 10.80
N LYS A 188 14.07 13.07 11.55
CA LYS A 188 15.06 13.10 12.62
C LYS A 188 14.65 12.20 13.77
N GLN A 189 13.35 11.90 13.86
CA GLN A 189 12.87 11.02 14.93
C GLN A 189 13.14 9.57 14.53
N GLY A 190 13.62 9.39 13.30
CA GLY A 190 13.96 8.05 12.82
C GLY A 190 13.21 7.50 11.61
N VAL A 191 12.12 8.16 11.21
CA VAL A 191 11.36 7.65 10.08
C VAL A 191 12.18 7.60 8.78
N ASP A 192 11.86 6.63 7.93
CA ASP A 192 12.58 6.43 6.67
C ASP A 192 11.91 7.05 5.45
N GLY A 193 10.69 7.54 5.62
CA GLY A 193 9.99 8.12 4.49
C GLY A 193 8.53 8.37 4.80
N PHE A 194 7.75 8.63 3.75
CA PHE A 194 6.34 8.93 3.93
C PHE A 194 5.47 8.39 2.82
N ARG A 195 4.19 8.27 3.13
CA ARG A 195 3.14 7.86 2.20
C ARG A 195 2.41 9.20 2.05
N LEU A 196 2.21 9.66 0.82
CA LEU A 196 1.57 10.94 0.58
C LEU A 196 0.47 10.95 -0.47
N ASP A 197 -0.45 11.89 -0.33
CA ASP A 197 -1.52 12.09 -1.31
C ASP A 197 -0.89 13.08 -2.30
N GLY A 198 -0.67 12.64 -3.53
CA GLY A 198 -0.01 13.49 -4.52
C GLY A 198 -0.80 14.61 -5.16
N ALA A 199 -2.13 14.49 -5.19
CA ALA A 199 -2.99 15.51 -5.80
C ALA A 199 -3.28 16.68 -4.86
N MET A 200 -2.93 17.88 -5.31
CA MET A 200 -3.15 19.08 -4.52
C MET A 200 -4.10 20.00 -5.29
N HIS A 201 -5.35 20.06 -4.85
CA HIS A 201 -6.39 20.84 -5.52
C HIS A 201 -6.36 22.36 -5.31
N ILE A 202 -5.46 22.86 -4.49
CA ILE A 202 -5.39 24.30 -4.26
C ILE A 202 -4.85 25.03 -5.49
N PHE A 203 -4.07 24.30 -6.30
CA PHE A 203 -3.48 24.85 -7.51
C PHE A 203 -4.51 24.91 -8.64
N PRO A 204 -4.88 26.11 -9.08
CA PRO A 204 -5.85 26.23 -10.17
C PRO A 204 -5.32 25.46 -11.39
N PRO A 205 -6.23 25.01 -12.27
CA PRO A 205 -5.85 24.26 -13.47
C PRO A 205 -4.63 24.83 -14.19
N ALA A 206 -4.51 26.16 -14.17
CA ALA A 206 -3.40 26.84 -14.82
C ALA A 206 -2.07 26.68 -14.11
N GLN A 207 -2.10 26.14 -12.89
CA GLN A 207 -0.87 25.96 -12.13
C GLN A 207 -0.55 24.48 -11.87
N TYR A 208 -1.07 23.60 -12.72
CA TYR A 208 -0.83 22.17 -12.54
C TYR A 208 0.65 21.81 -12.39
N ASP A 209 1.51 22.41 -13.20
CA ASP A 209 2.93 22.10 -13.12
C ASP A 209 3.54 22.44 -11.76
N LYS A 210 2.89 23.31 -10.99
CA LYS A 210 3.39 23.67 -9.67
C LYS A 210 3.38 22.46 -8.75
N ASN A 211 2.58 21.46 -9.10
CA ASN A 211 2.49 20.24 -8.30
C ASN A 211 3.84 19.55 -8.28
N PHE A 212 4.42 19.40 -9.46
CA PHE A 212 5.71 18.75 -9.62
C PHE A 212 6.84 19.60 -9.05
N THR A 213 6.71 20.92 -9.18
CA THR A 213 7.73 21.82 -8.65
C THR A 213 7.76 21.64 -7.14
N TRP A 214 6.57 21.53 -6.54
CA TRP A 214 6.45 21.34 -5.10
C TRP A 214 7.07 20.02 -4.63
N TRP A 215 6.67 18.92 -5.25
CA TRP A 215 7.20 17.63 -4.82
C TRP A 215 8.71 17.51 -5.02
N GLU A 216 9.23 18.14 -6.06
CA GLU A 216 10.68 18.09 -6.31
C GLU A 216 11.38 18.85 -5.19
N LYS A 217 10.86 20.01 -4.82
CA LYS A 217 11.43 20.81 -3.74
C LYS A 217 11.35 20.05 -2.42
N PHE A 218 10.18 19.47 -2.17
CA PHE A 218 9.94 18.70 -0.94
C PHE A 218 10.98 17.59 -0.79
N ARG A 219 11.17 16.80 -1.85
CA ARG A 219 12.14 15.71 -1.77
C ARG A 219 13.55 16.21 -1.61
N GLN A 220 13.93 17.21 -2.41
CA GLN A 220 15.28 17.75 -2.35
C GLN A 220 15.62 18.23 -0.95
N GLU A 221 14.71 19.00 -0.35
CA GLU A 221 14.98 19.53 0.99
C GLU A 221 14.98 18.51 2.12
N ILE A 222 14.03 17.58 2.12
CA ILE A 222 14.03 16.60 3.20
C ILE A 222 15.22 15.64 3.12
N GLU A 223 15.72 15.38 1.92
CA GLU A 223 16.87 14.48 1.80
C GLU A 223 18.18 15.12 2.21
N GLU A 224 18.09 16.36 2.69
CA GLU A 224 19.26 17.06 3.18
C GLU A 224 19.53 16.46 4.55
N VAL A 225 18.52 15.81 5.11
CA VAL A 225 18.62 15.15 6.42
C VAL A 225 19.19 13.75 6.22
N LYS A 226 18.61 13.00 5.28
CA LYS A 226 19.06 11.65 4.97
C LYS A 226 18.27 11.10 3.79
N PRO A 227 18.74 9.98 3.20
CA PRO A 227 18.00 9.41 2.06
C PRO A 227 16.63 8.94 2.54
N VAL A 228 15.62 9.10 1.69
CA VAL A 228 14.26 8.69 2.05
C VAL A 228 13.55 7.87 0.97
N TYR A 229 12.43 7.28 1.35
CA TYR A 229 11.59 6.52 0.43
C TYR A 229 10.21 7.20 0.46
N LEU A 230 9.76 7.65 -0.70
CA LEU A 230 8.45 8.30 -0.81
C LEU A 230 7.53 7.56 -1.77
N VAL A 231 6.32 7.26 -1.30
CA VAL A 231 5.34 6.60 -2.15
C VAL A 231 4.12 7.50 -2.16
N GLY A 232 3.57 7.76 -3.35
CA GLY A 232 2.43 8.63 -3.43
C GLY A 232 1.17 8.04 -4.02
N GLU A 233 0.03 8.57 -3.57
CA GLU A 233 -1.25 8.14 -4.09
C GLU A 233 -1.74 9.13 -5.13
N VAL A 234 -1.96 8.64 -6.33
CA VAL A 234 -2.46 9.43 -7.43
C VAL A 234 -3.50 8.52 -8.08
N TRP A 235 -4.75 8.68 -7.66
CA TRP A 235 -5.86 7.86 -8.15
C TRP A 235 -6.30 8.33 -9.54
N ASP A 236 -5.59 7.88 -10.57
CA ASP A 236 -5.90 8.25 -11.95
C ASP A 236 -5.27 7.26 -12.91
N ILE A 237 -5.43 7.49 -14.21
CA ILE A 237 -4.85 6.58 -15.21
C ILE A 237 -3.33 6.71 -15.24
N SER A 238 -2.66 5.67 -15.72
CA SER A 238 -1.21 5.62 -15.77
C SER A 238 -0.52 6.82 -16.43
N GLU A 239 -1.15 7.42 -17.45
CA GLU A 239 -0.54 8.57 -18.11
C GLU A 239 -0.41 9.74 -17.15
N THR A 240 -1.35 9.84 -16.21
CA THR A 240 -1.35 10.92 -15.23
C THR A 240 -0.42 10.60 -14.06
N VAL A 241 -0.33 9.32 -13.70
CA VAL A 241 0.52 8.89 -12.60
C VAL A 241 2.02 8.95 -12.92
N ALA A 242 2.38 8.49 -14.12
CA ALA A 242 3.76 8.42 -14.58
C ALA A 242 4.75 9.53 -14.22
N PRO A 243 4.41 10.80 -14.51
CA PRO A 243 5.36 11.87 -14.18
C PRO A 243 5.79 11.99 -12.71
N TYR A 244 4.95 11.55 -11.79
CA TYR A 244 5.29 11.64 -10.37
C TYR A 244 6.55 10.85 -10.03
N PHE A 245 6.85 9.81 -10.81
CA PHE A 245 8.04 8.99 -10.61
C PHE A 245 9.29 9.85 -10.88
N LYS A 246 9.10 10.88 -11.70
CA LYS A 246 10.16 11.79 -12.10
C LYS A 246 10.37 13.00 -11.22
N TYR A 247 9.29 13.46 -10.58
CA TYR A 247 9.38 14.67 -9.77
C TYR A 247 9.32 14.55 -8.26
N GLY A 248 9.99 13.53 -7.71
CA GLY A 248 10.01 13.41 -6.27
C GLY A 248 9.64 12.08 -5.63
N PHE A 249 8.82 11.29 -6.31
CA PHE A 249 8.40 10.01 -5.76
C PHE A 249 9.16 8.80 -6.26
N ASP A 250 9.50 7.90 -5.35
CA ASP A 250 10.18 6.68 -5.72
C ASP A 250 9.10 5.75 -6.28
N SER A 251 7.96 5.74 -5.60
CA SER A 251 6.85 4.88 -6.00
C SER A 251 5.50 5.58 -6.01
N THR A 252 4.56 4.95 -6.72
CA THR A 252 3.17 5.41 -6.79
C THR A 252 2.35 4.12 -6.75
N PHE A 253 1.18 4.15 -6.12
CA PHE A 253 0.33 2.98 -6.04
C PHE A 253 -0.32 2.72 -7.40
N ASN A 254 -0.23 1.48 -7.87
CA ASN A 254 -0.80 1.15 -9.17
C ASN A 254 -2.28 0.76 -9.10
N PHE A 255 -3.13 1.77 -8.95
CA PHE A 255 -4.57 1.56 -8.86
C PHE A 255 -5.17 0.85 -10.06
N LYS A 256 -4.79 1.28 -11.26
CA LYS A 256 -5.32 0.68 -12.48
C LYS A 256 -4.95 -0.79 -12.64
N LEU A 257 -3.73 -1.17 -12.27
CA LEU A 257 -3.34 -2.56 -12.40
C LEU A 257 -4.05 -3.40 -11.33
N ALA A 258 -4.29 -2.80 -10.17
CA ALA A 258 -4.97 -3.51 -9.08
C ALA A 258 -6.35 -3.94 -9.58
N GLU A 259 -7.05 -3.02 -10.22
CA GLU A 259 -8.38 -3.29 -10.75
C GLU A 259 -8.36 -4.45 -11.74
N ALA A 260 -7.32 -4.50 -12.57
CA ALA A 260 -7.18 -5.56 -13.58
C ALA A 260 -6.87 -6.92 -12.95
N VAL A 261 -6.01 -6.92 -11.94
CA VAL A 261 -5.67 -8.17 -11.26
C VAL A 261 -6.93 -8.75 -10.63
N ILE A 262 -7.71 -7.90 -9.96
CA ILE A 262 -8.93 -8.34 -9.32
C ILE A 262 -9.93 -8.92 -10.33
N ALA A 263 -10.16 -8.19 -11.43
CA ALA A 263 -11.09 -8.63 -12.46
C ALA A 263 -10.70 -9.96 -13.08
N THR A 264 -9.41 -10.14 -13.34
CA THR A 264 -8.89 -11.37 -13.94
C THR A 264 -9.02 -12.56 -12.97
N ALA A 265 -8.67 -12.34 -11.71
CA ALA A 265 -8.77 -13.41 -10.72
C ALA A 265 -10.23 -13.83 -10.52
N LYS A 266 -11.13 -12.87 -10.64
CA LYS A 266 -12.55 -13.17 -10.46
C LYS A 266 -13.11 -13.95 -11.65
N ALA A 267 -12.75 -13.52 -12.86
CA ALA A 267 -13.24 -14.14 -14.09
C ALA A 267 -12.58 -15.47 -14.49
N GLY A 268 -11.29 -15.60 -14.23
CA GLY A 268 -10.60 -16.83 -14.58
C GLY A 268 -9.96 -16.80 -15.95
N PHE A 269 -9.93 -15.61 -16.56
CA PHE A 269 -9.35 -15.41 -17.88
C PHE A 269 -8.31 -14.29 -17.74
N PRO A 270 -7.13 -14.45 -18.37
CA PRO A 270 -6.04 -13.47 -18.30
C PRO A 270 -6.10 -12.24 -19.21
N PHE A 271 -7.03 -12.20 -20.16
CA PHE A 271 -7.08 -11.08 -21.09
C PHE A 271 -6.99 -9.69 -20.47
N GLY A 272 -7.87 -9.41 -19.51
CA GLY A 272 -7.87 -8.11 -18.86
C GLY A 272 -6.53 -7.72 -18.27
N PHE A 273 -5.95 -8.62 -17.48
CA PHE A 273 -4.66 -8.35 -16.87
C PHE A 273 -3.57 -8.16 -17.94
N ASN A 274 -3.54 -9.06 -18.92
CA ASN A 274 -2.54 -8.98 -19.99
C ASN A 274 -2.55 -7.61 -20.66
N LYS A 275 -3.72 -7.17 -21.09
CA LYS A 275 -3.83 -5.89 -21.77
C LYS A 275 -3.47 -4.68 -20.91
N LYS A 276 -3.98 -4.66 -19.68
CA LYS A 276 -3.70 -3.54 -18.78
C LYS A 276 -2.23 -3.47 -18.37
N ALA A 277 -1.65 -4.61 -18.04
CA ALA A 277 -0.24 -4.65 -17.63
C ALA A 277 0.65 -4.15 -18.75
N LYS A 278 0.42 -4.64 -19.97
CA LYS A 278 1.21 -4.22 -21.12
C LYS A 278 1.09 -2.71 -21.33
N HIS A 279 -0.12 -2.20 -21.17
CA HIS A 279 -0.35 -0.77 -21.35
C HIS A 279 0.38 0.08 -20.31
N ILE A 280 0.15 -0.26 -19.04
CA ILE A 280 0.74 0.50 -17.93
C ILE A 280 2.27 0.48 -17.89
N TYR A 281 2.86 -0.70 -17.97
CA TYR A 281 4.31 -0.76 -17.96
C TYR A 281 4.86 -0.05 -19.19
N GLY A 282 4.09 -0.09 -20.28
CA GLY A 282 4.51 0.59 -21.50
C GLY A 282 4.55 2.09 -21.28
N VAL A 283 3.52 2.62 -20.62
CA VAL A 283 3.45 4.04 -20.32
C VAL A 283 4.61 4.46 -19.41
N TYR A 284 4.87 3.68 -18.37
CA TYR A 284 5.95 4.01 -17.44
C TYR A 284 7.32 3.93 -18.11
N ASP A 285 7.53 2.94 -18.96
CA ASP A 285 8.82 2.79 -19.64
C ASP A 285 9.06 3.92 -20.64
N ARG A 286 7.98 4.38 -21.27
CA ARG A 286 8.09 5.46 -22.26
C ARG A 286 8.32 6.84 -21.65
N GLU A 287 7.59 7.16 -20.60
CA GLU A 287 7.72 8.47 -19.99
C GLU A 287 8.81 8.56 -18.92
N VAL A 288 9.12 7.44 -18.27
CA VAL A 288 10.13 7.43 -17.21
C VAL A 288 11.35 6.58 -17.56
N GLY A 289 11.13 5.45 -18.21
CA GLY A 289 12.23 4.57 -18.57
C GLY A 289 12.39 3.44 -17.57
N PHE A 290 12.48 2.20 -18.05
CA PHE A 290 12.64 1.06 -17.16
C PHE A 290 13.84 1.26 -16.25
N GLY A 291 13.65 0.95 -14.97
CA GLY A 291 14.73 1.10 -14.02
C GLY A 291 14.73 2.45 -13.32
N ASN A 292 13.91 3.37 -13.81
CA ASN A 292 13.83 4.71 -13.22
C ASN A 292 12.55 4.92 -12.42
N TYR A 293 11.89 3.82 -12.09
CA TYR A 293 10.67 3.88 -11.30
C TYR A 293 10.51 2.60 -10.48
N ILE A 294 9.93 2.73 -9.30
CA ILE A 294 9.68 1.58 -8.43
C ILE A 294 8.17 1.53 -8.28
N ASP A 295 7.51 0.68 -9.06
CA ASP A 295 6.06 0.61 -8.97
C ASP A 295 5.64 0.05 -7.62
N ALA A 296 4.41 0.36 -7.22
CA ALA A 296 3.87 -0.13 -5.96
C ALA A 296 2.58 -0.88 -6.25
N PRO A 297 2.69 -2.15 -6.70
CA PRO A 297 1.50 -2.95 -7.00
C PRO A 297 0.81 -3.36 -5.70
N PHE A 298 -0.49 -3.53 -5.74
CA PHE A 298 -1.27 -3.93 -4.58
C PHE A 298 -2.62 -4.47 -5.04
N LEU A 299 -3.42 -4.98 -4.11
CA LEU A 299 -4.74 -5.50 -4.45
C LEU A 299 -5.80 -4.48 -4.00
N THR A 300 -5.89 -4.24 -2.70
CA THR A 300 -6.83 -3.25 -2.17
C THR A 300 -6.21 -2.57 -0.94
N ASN A 301 -6.71 -1.39 -0.60
CA ASN A 301 -6.16 -0.66 0.56
C ASN A 301 -7.21 -0.21 1.58
N HIS A 302 -6.83 0.71 2.46
CA HIS A 302 -7.70 1.20 3.52
C HIS A 302 -8.95 1.96 3.06
N ASP A 303 -9.06 2.28 1.77
CA ASP A 303 -10.23 3.01 1.25
C ASP A 303 -11.12 2.15 0.37
N GLN A 304 -10.82 0.87 0.24
CA GLN A 304 -11.56 0.00 -0.65
C GLN A 304 -12.06 -1.29 -0.03
N ASN A 305 -13.08 -1.87 -0.66
CA ASN A 305 -13.63 -3.14 -0.20
C ASN A 305 -12.47 -4.14 -0.28
N ARG A 306 -12.31 -4.96 0.76
CA ARG A 306 -11.22 -5.93 0.78
C ARG A 306 -11.23 -6.89 -0.40
N ILE A 307 -10.04 -7.30 -0.81
CA ILE A 307 -9.92 -8.19 -1.94
C ILE A 307 -10.80 -9.44 -1.85
N LEU A 308 -10.87 -10.06 -0.68
CA LEU A 308 -11.68 -11.27 -0.54
C LEU A 308 -13.13 -11.00 -0.93
N ASP A 309 -13.69 -9.89 -0.45
CA ASP A 309 -15.07 -9.54 -0.78
C ASP A 309 -15.24 -9.29 -2.26
N GLN A 310 -14.26 -8.63 -2.88
CA GLN A 310 -14.36 -8.36 -4.32
C GLN A 310 -14.29 -9.62 -5.16
N LEU A 311 -13.83 -10.72 -4.56
CA LEU A 311 -13.74 -11.99 -5.26
C LEU A 311 -14.83 -12.96 -4.81
N GLY A 312 -15.95 -12.40 -4.33
CA GLY A 312 -17.05 -13.22 -3.87
C GLY A 312 -16.70 -14.08 -2.67
N GLN A 313 -15.77 -13.59 -1.86
CA GLN A 313 -15.30 -14.28 -0.67
C GLN A 313 -14.79 -15.67 -0.98
N ASP A 314 -14.12 -15.80 -2.12
CA ASP A 314 -13.53 -17.06 -2.53
C ASP A 314 -12.05 -17.00 -2.15
N ARG A 315 -11.69 -17.69 -1.07
CA ARG A 315 -10.31 -17.72 -0.59
C ARG A 315 -9.31 -18.26 -1.61
N ASN A 316 -9.78 -19.14 -2.49
CA ASN A 316 -8.91 -19.73 -3.51
C ASN A 316 -8.53 -18.65 -4.52
N LYS A 317 -9.50 -17.85 -4.93
CA LYS A 317 -9.24 -16.79 -5.88
C LYS A 317 -8.38 -15.71 -5.24
N ALA A 318 -8.56 -15.48 -3.94
CA ALA A 318 -7.76 -14.47 -3.24
C ALA A 318 -6.31 -14.95 -3.19
N ARG A 319 -6.12 -16.27 -3.12
CA ARG A 319 -4.79 -16.86 -3.08
C ARG A 319 -4.07 -16.59 -4.40
N VAL A 320 -4.80 -16.78 -5.50
CA VAL A 320 -4.24 -16.54 -6.83
C VAL A 320 -3.91 -15.06 -7.02
N ALA A 321 -4.81 -14.20 -6.55
CA ALA A 321 -4.59 -12.76 -6.68
C ALA A 321 -3.30 -12.38 -5.94
N ALA A 322 -3.06 -13.01 -4.80
CA ALA A 322 -1.87 -12.74 -4.01
C ALA A 322 -0.62 -13.17 -4.78
N SER A 323 -0.66 -14.37 -5.35
CA SER A 323 0.49 -14.88 -6.11
C SER A 323 0.82 -13.95 -7.27
N ILE A 324 -0.21 -13.44 -7.94
CA ILE A 324 0.01 -12.54 -9.07
C ILE A 324 0.72 -11.24 -8.70
N TYR A 325 0.15 -10.45 -7.80
CA TYR A 325 0.82 -9.18 -7.50
C TYR A 325 2.13 -9.35 -6.74
N LEU A 326 2.27 -10.43 -5.98
CA LEU A 326 3.53 -10.63 -5.26
C LEU A 326 4.66 -11.15 -6.16
N THR A 327 4.38 -11.31 -7.45
CA THR A 327 5.42 -11.73 -8.40
C THR A 327 5.62 -10.64 -9.46
N LEU A 328 5.03 -9.47 -9.24
CA LEU A 328 5.15 -8.33 -10.16
C LEU A 328 6.35 -7.47 -9.78
N PRO A 329 6.79 -6.57 -10.69
CA PRO A 329 7.93 -5.70 -10.39
C PRO A 329 7.60 -4.62 -9.36
N GLY A 330 8.62 -4.14 -8.65
CA GLY A 330 8.45 -3.07 -7.68
C GLY A 330 8.32 -3.48 -6.23
N ASN A 331 7.66 -2.62 -5.45
CA ASN A 331 7.44 -2.84 -4.03
C ASN A 331 5.97 -3.15 -3.76
N PRO A 332 5.61 -4.42 -3.59
CA PRO A 332 4.20 -4.76 -3.32
C PRO A 332 3.76 -4.23 -1.95
N PHE A 333 2.51 -3.79 -1.85
CA PHE A 333 1.97 -3.31 -0.59
C PHE A 333 0.82 -4.20 -0.14
N ILE A 334 0.96 -4.76 1.07
CA ILE A 334 -0.05 -5.63 1.66
C ILE A 334 -0.84 -4.85 2.69
N TYR A 335 -2.17 -4.94 2.63
CA TYR A 335 -3.03 -4.25 3.58
C TYR A 335 -3.25 -5.20 4.77
N TYR A 336 -3.01 -4.74 5.99
CA TYR A 336 -3.14 -5.60 7.16
C TYR A 336 -4.44 -6.40 7.15
N GLY A 337 -4.32 -7.69 7.47
CA GLY A 337 -5.48 -8.56 7.50
C GLY A 337 -5.66 -9.34 6.22
N GLU A 338 -5.17 -8.78 5.12
CA GLU A 338 -5.27 -9.43 3.83
C GLU A 338 -4.61 -10.82 3.85
N GLU A 339 -3.49 -10.93 4.56
CA GLU A 339 -2.75 -12.18 4.63
C GLU A 339 -3.43 -13.33 5.38
N ILE A 340 -4.48 -13.02 6.14
CA ILE A 340 -5.21 -14.07 6.84
C ILE A 340 -6.62 -14.16 6.29
N GLY A 341 -6.86 -13.46 5.18
CA GLY A 341 -8.16 -13.49 4.56
C GLY A 341 -9.29 -12.78 5.28
N MET A 342 -9.01 -11.58 5.81
CA MET A 342 -10.08 -10.83 6.47
C MET A 342 -11.03 -10.32 5.41
N ARG A 343 -12.28 -10.10 5.78
CA ARG A 343 -13.26 -9.59 4.84
C ARG A 343 -13.81 -8.26 5.35
N GLY A 344 -14.41 -7.50 4.46
CA GLY A 344 -14.96 -6.21 4.83
C GLY A 344 -15.29 -5.38 3.62
N GLN A 345 -16.51 -4.83 3.59
CA GLN A 345 -16.95 -4.00 2.47
C GLN A 345 -17.90 -2.93 2.98
N GLY A 346 -18.12 -1.91 2.16
CA GLY A 346 -19.02 -0.84 2.53
C GLY A 346 -18.32 0.30 3.28
N PRO A 347 -18.76 0.58 4.51
CA PRO A 347 -18.20 1.64 5.34
C PRO A 347 -16.70 1.46 5.57
N HIS A 348 -15.96 2.56 5.54
CA HIS A 348 -14.53 2.51 5.78
C HIS A 348 -14.25 1.91 7.16
N GLU A 349 -15.17 2.09 8.11
CA GLU A 349 -14.98 1.53 9.44
C GLU A 349 -14.93 0.01 9.40
N VAL A 350 -15.74 -0.60 8.54
CA VAL A 350 -15.78 -2.05 8.42
C VAL A 350 -14.51 -2.56 7.75
N ILE A 351 -14.05 -1.85 6.73
CA ILE A 351 -12.83 -2.23 6.00
C ILE A 351 -11.63 -2.14 6.94
N ARG A 352 -11.77 -1.37 8.01
CA ARG A 352 -10.70 -1.16 8.98
C ARG A 352 -10.96 -1.85 10.32
N GLU A 353 -11.63 -3.00 10.27
CA GLU A 353 -11.94 -3.76 11.49
C GLU A 353 -10.70 -4.25 12.23
N PRO A 354 -10.87 -4.59 13.51
CA PRO A 354 -9.77 -5.09 14.35
C PRO A 354 -9.12 -6.31 13.71
N PHE A 355 -7.80 -6.34 13.73
CA PHE A 355 -7.06 -7.48 13.18
C PHE A 355 -7.32 -8.67 14.09
N GLN A 356 -7.59 -9.83 13.51
CA GLN A 356 -7.89 -11.03 14.28
C GLN A 356 -6.68 -11.89 14.64
N TRP A 357 -6.27 -11.82 15.90
CA TRP A 357 -5.13 -12.61 16.37
C TRP A 357 -5.56 -13.97 16.91
N TYR A 358 -6.73 -14.03 17.54
CA TYR A 358 -7.22 -15.26 18.15
C TYR A 358 -8.59 -15.70 17.64
N ASN A 359 -8.91 -16.96 17.86
CA ASN A 359 -10.21 -17.49 17.43
C ASN A 359 -11.27 -16.73 18.25
N GLY A 360 -11.10 -16.73 19.56
CA GLY A 360 -12.02 -16.01 20.42
C GLY A 360 -11.36 -14.72 20.89
N SER A 361 -11.48 -14.43 22.18
CA SER A 361 -10.88 -13.22 22.73
C SER A 361 -9.50 -13.53 23.29
N GLY A 362 -8.67 -12.50 23.44
CA GLY A 362 -7.33 -12.70 23.97
C GLY A 362 -6.63 -11.37 24.16
N GLU A 363 -5.66 -11.33 25.07
CA GLU A 363 -4.93 -10.10 25.32
C GLU A 363 -4.28 -9.54 24.06
N GLY A 364 -4.43 -8.24 23.84
CA GLY A 364 -3.82 -7.63 22.68
C GLY A 364 -4.75 -7.42 21.50
N GLU A 365 -5.80 -8.22 21.39
CA GLU A 365 -6.72 -8.03 20.28
C GLU A 365 -7.51 -6.76 20.50
N THR A 366 -7.56 -5.91 19.48
CA THR A 366 -8.29 -4.65 19.59
C THR A 366 -9.80 -4.85 19.53
N TYR A 367 -10.54 -3.88 20.09
CA TYR A 367 -11.99 -3.94 20.11
C TYR A 367 -12.63 -2.56 20.19
N TRP A 368 -11.97 -1.56 19.62
CA TRP A 368 -12.49 -0.18 19.62
C TRP A 368 -13.85 -0.09 18.92
N GLU A 369 -14.15 -1.11 18.12
CA GLU A 369 -15.43 -1.22 17.42
C GLU A 369 -15.71 -2.71 17.32
N PRO A 370 -16.99 -3.10 17.13
CA PRO A 370 -17.29 -4.53 17.02
C PRO A 370 -16.63 -5.14 15.79
N ALA A 371 -16.08 -6.34 15.94
CA ALA A 371 -15.45 -7.05 14.82
C ALA A 371 -16.57 -7.88 14.19
N MET A 372 -17.62 -7.18 13.76
CA MET A 372 -18.80 -7.78 13.18
C MET A 372 -18.56 -8.82 12.10
N TYR A 373 -17.68 -8.52 11.15
CA TYR A 373 -17.44 -9.43 10.05
C TYR A 373 -16.31 -10.44 10.17
N ASN A 374 -15.37 -10.20 11.07
CA ASN A 374 -14.24 -11.10 11.20
C ASN A 374 -14.13 -11.93 12.47
N ASP A 375 -14.88 -11.56 13.50
CA ASP A 375 -14.85 -12.33 14.74
C ASP A 375 -15.42 -13.71 14.43
N GLY A 376 -14.59 -14.74 14.59
CA GLY A 376 -15.04 -16.09 14.32
C GLY A 376 -14.95 -16.47 12.86
N PHE A 377 -14.50 -15.54 12.01
CA PHE A 377 -14.37 -15.80 10.58
C PHE A 377 -12.96 -16.29 10.23
N THR A 378 -11.96 -15.62 10.76
CA THR A 378 -10.57 -15.99 10.52
C THR A 378 -9.70 -15.40 11.63
N SER A 379 -8.47 -15.89 11.73
CA SER A 379 -7.53 -15.40 12.74
C SER A 379 -6.13 -15.95 12.50
N VAL A 380 -5.13 -15.30 13.06
CA VAL A 380 -3.76 -15.76 12.92
C VAL A 380 -3.63 -17.13 13.60
N GLU A 381 -4.31 -17.29 14.73
CA GLU A 381 -4.26 -18.54 15.48
C GLU A 381 -4.69 -19.72 14.60
N GLN A 382 -5.78 -19.53 13.86
CA GLN A 382 -6.31 -20.56 12.99
C GLN A 382 -5.41 -20.82 11.78
N GLU A 383 -4.90 -19.75 11.18
CA GLU A 383 -4.03 -19.85 10.02
C GLU A 383 -2.70 -20.54 10.31
N GLU A 384 -2.26 -20.46 11.56
CA GLU A 384 -1.00 -21.08 11.97
C GLU A 384 -1.07 -22.60 12.09
N LYS A 385 -2.29 -23.13 12.08
CA LYS A 385 -2.48 -24.57 12.22
C LYS A 385 -2.00 -25.42 11.04
N ASN A 386 -2.04 -24.88 9.83
CA ASN A 386 -1.61 -25.63 8.66
C ASN A 386 -0.60 -24.88 7.81
N LEU A 387 0.45 -25.57 7.39
CA LEU A 387 1.50 -24.95 6.58
C LEU A 387 1.00 -24.55 5.20
N ASP A 388 -0.22 -24.93 4.84
CA ASP A 388 -0.75 -24.56 3.53
C ASP A 388 -1.91 -23.57 3.64
N SER A 389 -1.88 -22.76 4.68
CA SER A 389 -2.93 -21.75 4.87
C SER A 389 -2.58 -20.53 4.03
N LEU A 390 -3.50 -19.58 3.96
CA LEU A 390 -3.29 -18.36 3.19
C LEU A 390 -2.13 -17.56 3.80
N LEU A 391 -2.05 -17.54 5.13
CA LEU A 391 -0.98 -16.83 5.83
C LEU A 391 0.37 -17.42 5.44
N ASN A 392 0.46 -18.75 5.42
CA ASN A 392 1.71 -19.38 5.05
C ASN A 392 1.96 -19.21 3.56
N HIS A 393 0.90 -19.04 2.78
CA HIS A 393 1.03 -18.81 1.34
C HIS A 393 1.73 -17.46 1.16
N TYR A 394 1.27 -16.46 1.91
CA TYR A 394 1.89 -15.14 1.85
C TYR A 394 3.35 -15.19 2.31
N ARG A 395 3.59 -15.90 3.40
CA ARG A 395 4.96 -16.02 3.92
C ARG A 395 5.89 -16.61 2.86
N ARG A 396 5.44 -17.67 2.20
CA ARG A 396 6.26 -18.30 1.17
C ARG A 396 6.53 -17.38 -0.02
N LEU A 397 5.50 -16.67 -0.46
CA LEU A 397 5.66 -15.76 -1.60
C LEU A 397 6.63 -14.61 -1.30
N ILE A 398 6.48 -14.01 -0.12
CA ILE A 398 7.34 -12.89 0.26
C ILE A 398 8.80 -13.32 0.44
N HIS A 399 9.03 -14.45 1.09
CA HIS A 399 10.40 -14.92 1.30
C HIS A 399 11.05 -15.34 -0.01
N PHE A 400 10.26 -15.93 -0.90
CA PHE A 400 10.77 -16.33 -2.21
C PHE A 400 11.20 -15.07 -2.96
N ARG A 401 10.38 -14.04 -2.84
CA ARG A 401 10.64 -12.77 -3.47
C ARG A 401 11.96 -12.20 -2.93
N ASN A 402 12.13 -12.21 -1.62
CA ASN A 402 13.35 -11.68 -1.00
C ASN A 402 14.60 -12.48 -1.36
N GLU A 403 14.43 -13.78 -1.58
CA GLU A 403 15.57 -14.63 -1.91
C GLU A 403 15.97 -14.54 -3.38
N ASN A 404 15.06 -14.00 -4.19
CA ASN A 404 15.30 -13.84 -5.62
C ASN A 404 14.95 -12.40 -6.00
N PRO A 405 15.84 -11.44 -5.65
CA PRO A 405 15.65 -10.01 -5.93
C PRO A 405 15.28 -9.60 -7.36
N VAL A 406 15.47 -10.48 -8.33
CA VAL A 406 15.10 -10.14 -9.70
C VAL A 406 13.60 -9.79 -9.72
N PHE A 407 12.84 -10.32 -8.76
CA PHE A 407 11.42 -10.00 -8.73
C PHE A 407 11.20 -8.52 -8.45
N TYR A 408 12.10 -7.90 -7.72
CA TYR A 408 11.96 -6.47 -7.42
C TYR A 408 12.45 -5.57 -8.56
N THR A 409 13.64 -5.88 -9.06
CA THR A 409 14.31 -5.09 -10.09
C THR A 409 14.31 -5.57 -11.53
N GLY A 410 13.90 -6.81 -11.78
CA GLY A 410 13.90 -7.31 -13.14
C GLY A 410 12.80 -6.81 -14.05
N LYS A 411 12.96 -7.05 -15.34
CA LYS A 411 11.94 -6.65 -16.31
C LYS A 411 10.82 -7.67 -16.26
N ILE A 412 9.73 -7.37 -16.95
CA ILE A 412 8.60 -8.28 -17.02
C ILE A 412 8.08 -8.33 -18.45
N GLU A 413 7.77 -9.53 -18.92
CA GLU A 413 7.21 -9.71 -20.25
C GLU A 413 6.03 -10.66 -20.14
N ILE A 414 4.84 -10.16 -20.47
CA ILE A 414 3.64 -10.98 -20.45
C ILE A 414 3.74 -12.01 -21.57
N ILE A 415 3.37 -13.25 -21.28
CA ILE A 415 3.42 -14.30 -22.28
C ILE A 415 2.09 -15.06 -22.26
N ASN A 416 1.86 -15.88 -23.29
CA ASN A 416 0.63 -16.66 -23.38
C ASN A 416 0.81 -17.99 -22.66
N GLY A 417 0.17 -18.13 -21.50
CA GLY A 417 0.29 -19.37 -20.74
C GLY A 417 -0.96 -20.22 -20.84
N GLY A 418 -1.88 -19.83 -21.71
CA GLY A 418 -3.10 -20.61 -21.85
C GLY A 418 -4.35 -19.80 -21.59
N LEU A 419 -5.50 -20.41 -21.86
CA LEU A 419 -6.80 -19.77 -21.71
C LEU A 419 -7.20 -19.37 -20.28
N ASN A 420 -6.72 -20.11 -19.29
CA ASN A 420 -7.07 -19.81 -17.90
C ASN A 420 -5.86 -19.59 -17.01
N VAL A 421 -4.79 -19.07 -17.61
CA VAL A 421 -3.55 -18.83 -16.88
C VAL A 421 -2.96 -17.44 -17.13
N VAL A 422 -2.41 -16.83 -16.08
CA VAL A 422 -1.72 -15.55 -16.22
C VAL A 422 -0.26 -15.98 -16.15
N ALA A 423 0.51 -15.62 -17.17
CA ALA A 423 1.92 -15.99 -17.22
C ALA A 423 2.80 -14.85 -17.69
N PHE A 424 4.03 -14.81 -17.18
CA PHE A 424 4.97 -13.78 -17.56
C PHE A 424 6.38 -14.12 -17.14
N ARG A 425 7.35 -13.54 -17.83
CA ARG A 425 8.76 -13.75 -17.50
C ARG A 425 9.20 -12.61 -16.60
N ARG A 426 10.07 -12.92 -15.65
CA ARG A 426 10.66 -11.90 -14.78
C ARG A 426 12.13 -12.19 -15.07
N TYR A 427 12.86 -11.19 -15.55
CA TYR A 427 14.23 -11.44 -15.95
C TYR A 427 15.21 -10.27 -15.94
N ASN A 428 16.49 -10.60 -15.98
CA ASN A 428 17.57 -9.63 -16.06
C ASN A 428 18.72 -10.34 -16.78
N ASP A 429 19.92 -9.79 -16.72
CA ASP A 429 21.05 -10.40 -17.42
C ASP A 429 21.53 -11.73 -16.84
N LYS A 430 21.04 -12.10 -15.66
CA LYS A 430 21.48 -13.34 -15.03
C LYS A 430 20.38 -14.36 -14.70
N ARG A 431 19.13 -13.91 -14.67
CA ARG A 431 18.01 -14.80 -14.37
C ARG A 431 16.94 -14.67 -15.45
N ASP A 432 16.35 -15.80 -15.84
CA ASP A 432 15.28 -15.82 -16.83
C ASP A 432 14.21 -16.73 -16.23
N LEU A 433 13.30 -16.15 -15.46
CA LEU A 433 12.26 -16.91 -14.79
C LEU A 433 10.91 -16.82 -15.47
N TYR A 434 10.21 -17.95 -15.53
CA TYR A 434 8.88 -18.02 -16.13
C TYR A 434 7.87 -18.28 -15.01
N VAL A 435 6.92 -17.38 -14.86
CA VAL A 435 5.90 -17.50 -13.81
C VAL A 435 4.53 -17.86 -14.39
N TYR A 436 3.88 -18.87 -13.82
CA TYR A 436 2.57 -19.32 -14.29
C TYR A 436 1.57 -19.38 -13.15
N HIS A 437 0.43 -18.70 -13.33
CA HIS A 437 -0.60 -18.68 -12.30
C HIS A 437 -1.89 -19.32 -12.82
N ASN A 438 -2.30 -20.45 -12.25
CA ASN A 438 -3.55 -21.08 -12.67
C ASN A 438 -4.68 -20.31 -12.01
N LEU A 439 -5.57 -19.73 -12.81
CA LEU A 439 -6.68 -18.93 -12.32
C LEU A 439 -7.96 -19.69 -11.97
N VAL A 440 -8.06 -20.97 -12.34
CA VAL A 440 -9.29 -21.72 -12.08
C VAL A 440 -9.23 -22.93 -11.16
N ASN A 441 -10.42 -23.48 -10.86
CA ASN A 441 -10.58 -24.62 -9.97
C ASN A 441 -10.44 -25.98 -10.63
N ARG A 442 -9.50 -26.11 -11.56
CA ARG A 442 -9.27 -27.37 -12.25
C ARG A 442 -7.83 -27.33 -12.76
N PRO A 443 -7.22 -28.51 -12.98
CA PRO A 443 -5.83 -28.48 -13.47
C PRO A 443 -5.74 -27.94 -14.90
N VAL A 444 -4.61 -27.30 -15.19
CA VAL A 444 -4.34 -26.73 -16.51
C VAL A 444 -2.96 -27.20 -16.91
N LYS A 445 -2.69 -27.25 -18.21
CA LYS A 445 -1.40 -27.69 -18.70
C LYS A 445 -0.65 -26.57 -19.40
N ILE A 446 0.66 -26.50 -19.18
CA ILE A 446 1.48 -25.50 -19.84
C ILE A 446 2.66 -26.23 -20.47
N LYS A 447 3.13 -25.74 -21.60
CA LYS A 447 4.25 -26.37 -22.29
C LYS A 447 5.36 -25.38 -22.57
N VAL A 448 6.59 -25.85 -22.46
CA VAL A 448 7.77 -25.04 -22.74
C VAL A 448 8.63 -25.84 -23.71
N ALA A 449 9.50 -25.17 -24.45
CA ALA A 449 10.38 -25.85 -25.40
C ALA A 449 11.36 -26.74 -24.62
N SER A 450 11.65 -27.92 -25.17
CA SER A 450 12.58 -28.84 -24.53
C SER A 450 13.88 -28.13 -24.23
N GLY A 451 14.44 -28.39 -23.05
CA GLY A 451 15.69 -27.76 -22.69
C GLY A 451 15.99 -27.86 -21.21
N ASN A 452 16.88 -26.99 -20.74
CA ASN A 452 17.27 -26.98 -19.34
C ASN A 452 16.33 -26.10 -18.51
N TRP A 453 15.36 -26.74 -17.86
CA TRP A 453 14.40 -26.03 -17.02
C TRP A 453 14.42 -26.56 -15.59
N THR A 454 14.31 -25.65 -14.63
CA THR A 454 14.32 -26.04 -13.22
C THR A 454 13.09 -25.49 -12.49
N LEU A 455 12.40 -26.35 -11.75
CA LEU A 455 11.22 -25.92 -10.99
C LEU A 455 11.75 -25.25 -9.72
N LEU A 456 11.52 -23.95 -9.59
CA LEU A 456 11.99 -23.19 -8.44
C LEU A 456 10.95 -22.95 -7.35
N PHE A 457 9.67 -22.92 -7.74
CA PHE A 457 8.62 -22.64 -6.78
C PHE A 457 7.31 -23.35 -7.13
N ASN A 458 6.64 -23.85 -6.10
CA ASN A 458 5.35 -24.53 -6.25
C ASN A 458 4.53 -24.03 -5.04
N SER A 459 3.49 -23.25 -5.31
CA SER A 459 2.66 -22.69 -4.24
C SER A 459 1.75 -23.69 -3.51
N GLY A 460 1.58 -24.88 -4.07
CA GLY A 460 0.72 -25.88 -3.45
C GLY A 460 1.47 -27.02 -2.77
N ASP A 461 0.72 -27.98 -2.24
CA ASP A 461 1.32 -29.12 -1.55
C ASP A 461 1.26 -30.42 -2.35
N LYS A 462 1.12 -30.30 -3.67
CA LYS A 462 1.05 -31.47 -4.54
C LYS A 462 2.35 -31.65 -5.31
N GLU A 463 2.61 -32.88 -5.71
CA GLU A 463 3.82 -33.18 -6.48
C GLU A 463 3.61 -32.81 -7.95
N ILE A 464 4.44 -31.92 -8.46
CA ILE A 464 4.34 -31.52 -9.86
C ILE A 464 5.59 -31.95 -10.62
N THR A 465 5.45 -32.98 -11.43
CA THR A 465 6.55 -33.51 -12.22
C THR A 465 6.19 -33.42 -13.70
N PRO A 466 7.04 -32.78 -14.51
CA PRO A 466 6.77 -32.64 -15.94
C PRO A 466 6.99 -33.92 -16.74
N VAL A 467 6.39 -33.97 -17.92
CA VAL A 467 6.50 -35.11 -18.83
C VAL A 467 6.97 -34.55 -20.17
N GLU A 468 7.85 -35.30 -20.84
CA GLU A 468 8.40 -34.85 -22.12
C GLU A 468 7.99 -35.72 -23.29
N ASP A 469 7.43 -35.11 -24.32
CA ASP A 469 7.00 -35.80 -25.53
C ASP A 469 7.03 -34.87 -26.73
N ASN A 470 7.60 -35.35 -27.83
CA ASN A 470 7.71 -34.57 -29.06
C ASN A 470 8.35 -33.20 -28.77
N ASN A 471 9.54 -33.26 -28.19
CA ASN A 471 10.31 -32.06 -27.85
C ASN A 471 9.53 -30.91 -27.22
N LYS A 472 8.82 -31.22 -26.14
CA LYS A 472 8.04 -30.23 -25.40
C LYS A 472 7.89 -30.74 -23.97
N LEU A 473 8.28 -29.92 -23.01
CA LEU A 473 8.17 -30.28 -21.60
C LEU A 473 6.80 -29.77 -21.13
N MET A 474 5.96 -30.68 -20.65
CA MET A 474 4.63 -30.31 -20.19
C MET A 474 4.44 -30.41 -18.68
N TYR A 475 3.87 -29.35 -18.09
CA TYR A 475 3.60 -29.30 -16.66
C TYR A 475 2.10 -29.18 -16.42
N THR A 476 1.57 -30.01 -15.53
CA THR A 476 0.15 -29.94 -15.21
C THR A 476 0.06 -29.24 -13.85
N ILE A 477 -0.54 -28.05 -13.86
CA ILE A 477 -0.68 -27.24 -12.66
C ILE A 477 -2.02 -27.42 -11.98
N PRO A 478 -2.00 -27.83 -10.70
CA PRO A 478 -3.25 -28.04 -9.96
C PRO A 478 -4.05 -26.75 -9.85
N ALA A 479 -5.33 -26.88 -9.51
CA ALA A 479 -6.22 -25.73 -9.37
C ALA A 479 -5.65 -24.61 -8.50
N TYR A 480 -5.84 -23.37 -8.96
CA TYR A 480 -5.40 -22.18 -8.24
C TYR A 480 -3.93 -22.17 -7.80
N THR A 481 -3.10 -22.97 -8.45
CA THR A 481 -1.69 -23.07 -8.09
C THR A 481 -0.76 -22.27 -8.98
N THR A 482 0.37 -21.86 -8.41
CA THR A 482 1.39 -21.08 -9.11
C THR A 482 2.73 -21.79 -9.10
N ILE A 483 3.44 -21.76 -10.23
CA ILE A 483 4.77 -22.35 -10.30
C ILE A 483 5.73 -21.37 -10.97
N VAL A 484 7.01 -21.49 -10.64
CA VAL A 484 8.03 -20.65 -11.25
C VAL A 484 9.13 -21.57 -11.76
N LEU A 485 9.45 -21.41 -13.04
CA LEU A 485 10.49 -22.20 -13.68
C LEU A 485 11.66 -21.31 -14.05
N GLU A 486 12.87 -21.87 -14.01
CA GLU A 486 14.04 -21.11 -14.41
C GLU A 486 14.59 -21.72 -15.69
N LYS A 487 14.76 -20.90 -16.72
CA LYS A 487 15.29 -21.36 -17.99
C LYS A 487 16.78 -21.07 -18.03
N GLU A 488 17.57 -22.08 -18.38
CA GLU A 488 19.01 -21.92 -18.46
C GLU A 488 19.54 -22.40 -19.80
#